data_2G44
#
_entry.id   2G44
#
_cell.length_a   54.253
_cell.length_b   81.907
_cell.length_c   58.341
_cell.angle_alpha   90.00
_cell.angle_beta   111.23
_cell.angle_gamma   90.00
#
_symmetry.space_group_name_H-M   'P 1 21 1'
#
loop_
_entity.id
_entity.type
_entity.pdbx_description
1 polymer 'Estrogen receptor'
2 polymer 'Nuclear receptor coactivator 2'
3 non-polymer 4-[(1S,2R,5S)-4,4,8-TRIMETHYL-3-OXABICYCLO[3.3.1]NON-7-EN-2-YL]PHENOL
4 water water
#
loop_
_entity_poly.entity_id
_entity_poly.type
_entity_poly.pdbx_seq_one_letter_code
_entity_poly.pdbx_strand_id
1 'polypeptide(L)'
;IKRSKKNSLALSLTADQMVSALLDAEPPILYSEYDPTRPFSEASMMGLLTNLADRELVHMINWAKRVPGFVDLTLHDQVH
LLE(CME)AWLEILMIGLVWRSMEHPGKLLFAPNLLLDRNQGK(CME)VEGMVEIFDMLLATSSRFRMMNLQGEEFVCLK
SIILLNSGVYTFLSSTLKSLEEKDHIHRVLDKITDTLIHLMAKAGLTLQQQHQRLAQLLLILSHIRHMSNKGMEHLYSMK
(CME)KNVVPLSDLLLEMLDAHRLHAPTS
;
A,B
2 'polypeptide(L)' KHKILHRLLQDSS C,D
#
loop_
_chem_comp.id
_chem_comp.type
_chem_comp.name
_chem_comp.formula
T3O non-polymer 4-[(1S,2R,5S)-4,4,8-TRIMETHYL-3-OXABICYCLO[3.3.1]NON-7-EN-2-YL]PHENOL 'C17 H22 O2'
#
# COMPACT_ATOMS: atom_id res chain seq x y z
N SER A 8 -17.51 -10.76 -23.31
CA SER A 8 -17.23 -10.93 -21.85
C SER A 8 -18.53 -10.91 -21.05
N LEU A 9 -18.41 -11.01 -19.73
CA LEU A 9 -19.58 -11.02 -18.86
C LEU A 9 -19.39 -10.24 -17.56
N ALA A 10 -18.14 -9.98 -17.18
CA ALA A 10 -17.87 -9.11 -16.05
C ALA A 10 -18.26 -7.68 -16.39
N LEU A 11 -17.99 -7.25 -17.62
CA LEU A 11 -18.38 -5.93 -18.08
C LEU A 11 -19.89 -5.78 -18.10
N SER A 12 -20.58 -6.92 -18.08
CA SER A 12 -22.02 -6.96 -18.35
C SER A 12 -22.92 -7.11 -17.11
N LEU A 13 -22.47 -6.65 -15.96
CA LEU A 13 -23.31 -6.67 -14.77
C LEU A 13 -23.87 -5.28 -14.49
N THR A 14 -25.01 -5.22 -13.83
CA THR A 14 -25.50 -3.96 -13.30
C THR A 14 -24.77 -3.65 -12.00
N ALA A 15 -24.91 -2.42 -11.51
CA ALA A 15 -24.28 -2.02 -10.26
C ALA A 15 -24.70 -2.95 -9.14
N ASP A 16 -26.01 -3.12 -8.93
CA ASP A 16 -26.47 -3.99 -7.86
C ASP A 16 -26.55 -5.47 -8.26
N GLN A 17 -26.17 -5.79 -9.50
CA GLN A 17 -25.97 -7.18 -9.90
C GLN A 17 -24.55 -7.58 -9.53
N MET A 18 -23.66 -6.59 -9.52
CA MET A 18 -22.29 -6.78 -9.05
C MET A 18 -22.27 -7.07 -7.56
N VAL A 19 -22.96 -6.24 -6.79
CA VAL A 19 -22.98 -6.42 -5.35
C VAL A 19 -23.49 -7.80 -4.97
N SER A 20 -24.63 -8.19 -5.53
CA SER A 20 -25.20 -9.49 -5.22
C SER A 20 -24.21 -10.62 -5.53
N ALA A 21 -23.66 -10.62 -6.73
CA ALA A 21 -22.70 -11.66 -7.11
C ALA A 21 -21.58 -11.79 -6.08
N LEU A 22 -21.03 -10.66 -5.64
CA LEU A 22 -19.97 -10.64 -4.64
C LEU A 22 -20.47 -11.14 -3.29
N LEU A 23 -21.59 -10.62 -2.82
CA LEU A 23 -22.18 -11.12 -1.58
C LEU A 23 -22.34 -12.64 -1.58
N ASP A 24 -22.73 -13.19 -2.72
CA ASP A 24 -22.96 -14.63 -2.86
C ASP A 24 -21.66 -15.38 -2.89
N ALA A 25 -20.61 -14.71 -3.33
CA ALA A 25 -19.34 -15.37 -3.55
C ALA A 25 -18.60 -15.57 -2.25
N GLU A 26 -18.90 -14.73 -1.26
CA GLU A 26 -18.30 -14.78 0.08
C GLU A 26 -17.92 -16.18 0.53
N PRO A 27 -16.72 -16.34 1.09
CA PRO A 27 -16.33 -17.64 1.66
C PRO A 27 -16.94 -17.74 3.06
N PRO A 28 -16.96 -18.95 3.64
CA PRO A 28 -17.55 -19.06 4.97
C PRO A 28 -16.61 -18.51 6.02
N ILE A 29 -17.04 -18.52 7.27
CA ILE A 29 -16.15 -18.18 8.36
C ILE A 29 -15.74 -19.46 9.07
N LEU A 30 -14.44 -19.66 9.23
CA LEU A 30 -13.93 -20.91 9.77
C LEU A 30 -13.66 -20.80 11.26
N TYR A 31 -13.76 -21.93 11.97
CA TYR A 31 -13.35 -22.03 13.37
C TYR A 31 -11.92 -22.55 13.44
N SER A 32 -11.21 -22.24 14.51
CA SER A 32 -9.93 -22.89 14.75
C SER A 32 -10.16 -24.17 15.55
N GLU A 33 -9.08 -24.92 15.78
CA GLU A 33 -9.13 -26.16 16.56
C GLU A 33 -8.76 -25.87 18.02
N TYR A 34 -8.96 -24.62 18.40
CA TYR A 34 -8.51 -24.10 19.70
C TYR A 34 -9.17 -24.78 20.90
N ASP A 35 -8.34 -25.47 21.70
CA ASP A 35 -8.78 -26.01 22.98
C ASP A 35 -8.70 -24.90 24.01
N PRO A 36 -9.84 -24.28 24.30
CA PRO A 36 -9.95 -23.09 25.16
C PRO A 36 -9.53 -23.33 26.60
N THR A 37 -9.43 -24.59 27.01
CA THR A 37 -9.00 -24.89 28.37
C THR A 37 -7.49 -24.84 28.49
N ARG A 38 -6.81 -24.64 27.37
CA ARG A 38 -5.35 -24.57 27.39
C ARG A 38 -4.86 -23.14 27.10
N PRO A 39 -4.03 -22.60 28.00
CA PRO A 39 -3.40 -21.28 27.79
C PRO A 39 -2.45 -21.31 26.59
N PHE A 40 -1.92 -20.14 26.25
CA PHE A 40 -1.14 -19.98 25.03
C PHE A 40 0.37 -19.94 25.22
N SER A 41 1.09 -20.47 24.25
CA SER A 41 2.52 -20.26 24.13
C SER A 41 2.78 -19.78 22.71
N GLU A 42 4.02 -19.43 22.40
CA GLU A 42 4.34 -18.92 21.07
C GLU A 42 4.06 -19.97 20.00
N ALA A 43 4.46 -21.20 20.28
CA ALA A 43 4.32 -22.29 19.31
C ALA A 43 2.86 -22.73 19.14
N SER A 44 2.07 -22.67 20.20
CA SER A 44 0.66 -23.03 20.10
C SER A 44 -0.09 -21.96 19.33
N MET A 45 0.22 -20.70 19.63
CA MET A 45 -0.29 -19.55 18.90
C MET A 45 -0.13 -19.72 17.40
N MET A 46 1.11 -19.57 16.95
CA MET A 46 1.44 -19.69 15.54
C MET A 46 0.74 -20.89 14.93
N GLY A 47 0.90 -22.05 15.56
CA GLY A 47 0.24 -23.26 15.11
C GLY A 47 -1.24 -23.02 14.83
N LEU A 48 -1.95 -22.50 15.82
CA LEU A 48 -3.37 -22.22 15.69
C LEU A 48 -3.63 -21.26 14.53
N LEU A 49 -2.88 -20.16 14.50
CA LEU A 49 -3.13 -19.12 13.51
C LEU A 49 -2.72 -19.53 12.09
N THR A 50 -1.69 -20.35 11.95
CA THR A 50 -1.26 -20.82 10.64
C THR A 50 -2.17 -21.93 10.12
N ASN A 51 -2.59 -22.82 11.01
CA ASN A 51 -3.55 -23.87 10.67
C ASN A 51 -4.81 -23.25 10.07
N LEU A 52 -5.28 -22.18 10.70
CA LEU A 52 -6.47 -21.47 10.25
C LEU A 52 -6.26 -20.80 8.89
N ALA A 53 -5.20 -19.99 8.78
CA ALA A 53 -4.94 -19.31 7.53
C ALA A 53 -4.86 -20.33 6.38
N ASP A 54 -4.20 -21.45 6.64
CA ASP A 54 -4.10 -22.51 5.66
C ASP A 54 -5.46 -23.03 5.18
N ARG A 55 -6.39 -23.25 6.11
CA ARG A 55 -7.72 -23.70 5.72
C ARG A 55 -8.50 -22.59 5.03
N GLU A 56 -8.26 -21.36 5.43
CA GLU A 56 -8.89 -20.21 4.78
C GLU A 56 -8.41 -20.05 3.34
N LEU A 57 -7.17 -20.44 3.06
CA LEU A 57 -6.59 -20.29 1.73
C LEU A 57 -7.38 -21.02 0.65
N VAL A 58 -7.89 -22.20 0.97
CA VAL A 58 -8.64 -22.99 0.01
C VAL A 58 -9.95 -22.32 -0.39
N HIS A 59 -10.62 -21.71 0.58
CA HIS A 59 -11.90 -21.06 0.33
C HIS A 59 -11.71 -19.80 -0.50
N MET A 60 -10.66 -19.05 -0.21
CA MET A 60 -10.48 -17.77 -0.86
C MET A 60 -10.15 -17.99 -2.35
N ILE A 61 -9.44 -19.07 -2.63
CA ILE A 61 -9.16 -19.44 -3.99
C ILE A 61 -10.45 -19.72 -4.71
N ASN A 62 -11.31 -20.53 -4.10
CA ASN A 62 -12.61 -20.85 -4.69
C ASN A 62 -13.55 -19.65 -4.65
N TRP A 63 -13.13 -18.62 -3.93
CA TRP A 63 -13.86 -17.35 -3.92
C TRP A 63 -13.36 -16.45 -5.06
N ALA A 64 -12.05 -16.44 -5.27
CA ALA A 64 -11.46 -15.68 -6.36
C ALA A 64 -12.03 -16.14 -7.70
N LYS A 65 -12.36 -17.43 -7.82
CA LYS A 65 -12.89 -17.93 -9.08
C LYS A 65 -14.29 -17.40 -9.35
N ARG A 66 -14.95 -16.89 -8.31
CA ARG A 66 -16.33 -16.40 -8.42
C ARG A 66 -16.44 -14.88 -8.39
N VAL A 67 -15.29 -14.20 -8.50
CA VAL A 67 -15.26 -12.74 -8.63
C VAL A 67 -15.15 -12.33 -10.11
N PRO A 68 -16.14 -11.57 -10.59
CA PRO A 68 -16.26 -11.21 -12.00
C PRO A 68 -14.94 -10.83 -12.67
N GLY A 69 -14.65 -11.49 -13.79
CA GLY A 69 -13.49 -11.16 -14.59
C GLY A 69 -12.27 -12.03 -14.30
N PHE A 70 -12.15 -12.48 -13.06
CA PHE A 70 -10.95 -13.20 -12.63
C PHE A 70 -10.69 -14.47 -13.44
N VAL A 71 -11.75 -15.24 -13.66
CA VAL A 71 -11.64 -16.52 -14.35
C VAL A 71 -11.33 -16.33 -15.83
N ASP A 72 -11.59 -15.11 -16.33
CA ASP A 72 -11.28 -14.75 -17.71
C ASP A 72 -9.79 -14.58 -17.91
N LEU A 73 -9.08 -14.30 -16.82
CA LEU A 73 -7.64 -14.11 -16.86
C LEU A 73 -6.95 -15.45 -16.98
N THR A 74 -5.78 -15.46 -17.59
CA THR A 74 -5.03 -16.69 -17.78
C THR A 74 -4.71 -17.30 -16.43
N LEU A 75 -4.50 -18.61 -16.41
CA LEU A 75 -4.22 -19.33 -15.18
C LEU A 75 -3.02 -18.70 -14.49
N HIS A 76 -1.97 -18.46 -15.26
CA HIS A 76 -0.73 -17.88 -14.75
C HIS A 76 -0.91 -16.46 -14.17
N ASP A 77 -1.78 -15.66 -14.78
CA ASP A 77 -2.11 -14.34 -14.25
C ASP A 77 -2.95 -14.43 -12.97
N GLN A 78 -3.77 -15.46 -12.87
CA GLN A 78 -4.58 -15.72 -11.68
C GLN A 78 -3.70 -16.08 -10.50
N VAL A 79 -2.73 -16.95 -10.75
CA VAL A 79 -1.76 -17.37 -9.76
C VAL A 79 -1.03 -16.17 -9.20
N HIS A 80 -0.59 -15.30 -10.10
CA HIS A 80 0.17 -14.14 -9.72
C HIS A 80 -0.64 -13.21 -8.79
N LEU A 81 -1.86 -12.88 -9.18
CA LEU A 81 -2.71 -12.03 -8.35
C LEU A 81 -2.92 -12.59 -6.95
N LEU A 82 -3.18 -13.90 -6.87
CA LEU A 82 -3.33 -14.57 -5.57
C LEU A 82 -2.07 -14.57 -4.70
N GLU A 83 -0.92 -14.85 -5.29
CA GLU A 83 0.37 -14.88 -4.60
C GLU A 83 0.69 -13.53 -3.99
N CME A 84 0.24 -12.47 -4.65
CA CME A 84 0.48 -11.12 -4.16
CB CME A 84 0.50 -10.13 -5.32
CB CME A 84 0.47 -10.15 -5.33
SG CME A 84 0.90 -8.51 -4.72
SG CME A 84 1.94 -10.33 -6.27
SD CME A 84 2.78 -8.16 -5.30
SD CME A 84 3.28 -11.07 -4.97
CE CME A 84 3.84 -9.56 -5.27
CE CME A 84 4.91 -10.40 -5.09
CZ CME A 84 4.15 -9.99 -6.71
CZ CME A 84 5.16 -9.42 -3.94
OH CME A 84 3.51 -11.24 -6.97
OH CME A 84 6.56 -9.18 -3.79
C CME A 84 -0.49 -10.68 -3.09
O CME A 84 -0.11 -9.99 -2.16
N ALA A 85 -1.75 -11.08 -3.19
CA ALA A 85 -2.78 -10.51 -2.32
C ALA A 85 -3.25 -11.39 -1.15
N TRP A 86 -2.91 -12.67 -1.15
CA TRP A 86 -3.53 -13.57 -0.19
C TRP A 86 -3.60 -13.05 1.26
N LEU A 87 -2.55 -12.42 1.75
CA LEU A 87 -2.54 -12.07 3.16
C LEU A 87 -3.28 -10.75 3.40
N GLU A 88 -3.29 -9.89 2.38
CA GLU A 88 -4.07 -8.67 2.40
C GLU A 88 -5.54 -9.03 2.53
N ILE A 89 -5.94 -10.03 1.74
CA ILE A 89 -7.31 -10.50 1.70
C ILE A 89 -7.68 -11.17 3.03
N LEU A 90 -6.78 -12.02 3.53
CA LEU A 90 -6.98 -12.61 4.85
C LEU A 90 -7.13 -11.49 5.86
N MET A 91 -6.25 -10.49 5.77
CA MET A 91 -6.22 -9.40 6.74
C MET A 91 -7.46 -8.49 6.80
N ILE A 92 -7.96 -8.08 5.66
CA ILE A 92 -9.13 -7.20 5.67
C ILE A 92 -10.36 -8.00 6.09
N GLY A 93 -10.41 -9.28 5.75
CA GLY A 93 -11.44 -10.17 6.31
C GLY A 93 -11.39 -10.15 7.83
N LEU A 94 -10.19 -10.35 8.38
CA LEU A 94 -10.01 -10.36 9.84
C LEU A 94 -10.51 -9.03 10.40
N VAL A 95 -10.05 -7.96 9.77
CA VAL A 95 -10.39 -6.62 10.19
C VAL A 95 -11.90 -6.42 10.17
N TRP A 96 -12.55 -7.04 9.18
CA TRP A 96 -13.98 -6.87 9.00
C TRP A 96 -14.77 -7.59 10.08
N ARG A 97 -14.37 -8.81 10.43
CA ARG A 97 -15.03 -9.61 11.45
C ARG A 97 -14.89 -8.96 12.82
N SER A 98 -13.81 -8.22 13.01
CA SER A 98 -13.49 -7.65 14.32
C SER A 98 -14.15 -6.29 14.55
N MET A 99 -14.69 -5.71 13.47
CA MET A 99 -15.21 -4.34 13.50
C MET A 99 -16.01 -4.02 14.76
N GLU A 100 -16.87 -4.94 15.18
CA GLU A 100 -17.73 -4.73 16.33
C GLU A 100 -17.19 -5.41 17.60
N HIS A 101 -15.89 -5.68 17.60
CA HIS A 101 -15.22 -6.20 18.79
C HIS A 101 -14.03 -5.31 19.15
N PRO A 102 -14.32 -4.10 19.66
CA PRO A 102 -13.30 -3.11 19.97
C PRO A 102 -12.20 -3.72 20.83
N GLY A 103 -10.94 -3.49 20.44
CA GLY A 103 -9.79 -4.02 21.19
C GLY A 103 -9.58 -5.51 21.04
N LYS A 104 -10.40 -6.14 20.22
CA LYS A 104 -10.29 -7.58 19.99
C LYS A 104 -10.08 -7.89 18.51
N LEU A 105 -9.30 -8.94 18.25
CA LEU A 105 -9.15 -9.48 16.91
C LEU A 105 -9.86 -10.83 16.81
N LEU A 106 -10.90 -10.89 15.98
CA LEU A 106 -11.67 -12.13 15.79
C LEU A 106 -11.08 -13.00 14.67
N PHE A 107 -10.04 -13.76 15.00
CA PHE A 107 -9.43 -14.65 14.02
C PHE A 107 -10.43 -15.74 13.67
N ALA A 108 -11.26 -16.09 14.65
CA ALA A 108 -12.34 -17.04 14.46
C ALA A 108 -13.29 -16.88 15.62
N PRO A 109 -14.59 -17.15 15.41
CA PRO A 109 -15.58 -17.04 16.48
C PRO A 109 -15.16 -17.71 17.79
N ASN A 110 -14.29 -18.71 17.72
CA ASN A 110 -13.79 -19.36 18.93
C ASN A 110 -12.36 -18.92 19.28
N LEU A 111 -11.81 -18.04 18.45
CA LEU A 111 -10.46 -17.53 18.67
C LEU A 111 -10.48 -16.00 18.58
N LEU A 112 -10.76 -15.38 19.71
CA LEU A 112 -10.91 -13.93 19.79
C LEU A 112 -9.71 -13.40 20.55
N LEU A 113 -8.79 -12.74 19.85
CA LEU A 113 -7.54 -12.31 20.50
C LEU A 113 -7.48 -10.85 20.95
N ASP A 114 -7.17 -10.70 22.23
CA ASP A 114 -6.90 -9.41 22.88
C ASP A 114 -5.52 -8.97 22.45
N ARG A 115 -5.30 -7.66 22.34
CA ARG A 115 -4.01 -7.17 21.88
C ARG A 115 -2.87 -7.60 22.79
N ASN A 116 -3.18 -7.78 24.07
CA ASN A 116 -2.21 -8.24 25.07
C ASN A 116 -1.77 -9.68 24.83
N GLN A 117 -2.64 -10.49 24.24
CA GLN A 117 -2.31 -11.87 23.91
C GLN A 117 -1.37 -11.95 22.72
N GLY A 118 -1.35 -10.93 21.88
CA GLY A 118 -0.44 -10.90 20.73
C GLY A 118 1.02 -11.03 21.14
N LYS A 119 1.31 -10.73 22.40
CA LYS A 119 2.67 -10.74 22.91
C LYS A 119 3.24 -12.13 23.09
N CME A 120 2.39 -13.15 23.07
CA CME A 120 2.85 -14.53 23.23
CB CME A 120 1.68 -15.52 23.20
SG CME A 120 0.65 -15.30 24.62
SD CME A 120 1.94 -15.06 26.13
CE CME A 120 1.21 -15.02 27.75
CZ CME A 120 0.14 -16.09 27.85
OH CME A 120 0.76 -17.35 28.11
C CME A 120 3.81 -14.89 22.14
O CME A 120 4.72 -15.70 22.33
N VAL A 121 3.58 -14.27 20.98
CA VAL A 121 4.42 -14.47 19.80
C VAL A 121 5.31 -13.24 19.66
N GLU A 122 6.62 -13.47 19.54
CA GLU A 122 7.57 -12.36 19.47
C GLU A 122 7.45 -11.59 18.16
N GLY A 123 7.34 -10.27 18.26
CA GLY A 123 7.25 -9.41 17.09
C GLY A 123 5.82 -9.24 16.59
N MET A 124 4.93 -10.11 17.06
CA MET A 124 3.55 -10.09 16.57
C MET A 124 2.72 -8.93 17.11
N VAL A 125 3.15 -8.31 18.20
CA VAL A 125 2.34 -7.31 18.86
C VAL A 125 2.13 -6.04 18.00
N GLU A 126 3.16 -5.64 17.26
CA GLU A 126 3.02 -4.50 16.35
C GLU A 126 1.93 -4.74 15.33
N ILE A 127 1.95 -5.93 14.74
CA ILE A 127 1.01 -6.29 13.69
C ILE A 127 -0.44 -6.26 14.20
N PHE A 128 -0.65 -6.71 15.44
CA PHE A 128 -1.96 -6.67 16.09
C PHE A 128 -2.47 -5.24 16.25
N ASP A 129 -1.56 -4.34 16.62
CA ASP A 129 -1.91 -2.94 16.85
C ASP A 129 -2.39 -2.28 15.57
N MET A 130 -1.70 -2.56 14.47
CA MET A 130 -2.11 -2.04 13.17
C MET A 130 -3.47 -2.62 12.77
N LEU A 131 -3.60 -3.95 12.90
CA LEU A 131 -4.86 -4.61 12.58
C LEU A 131 -6.00 -4.07 13.46
N LEU A 132 -5.72 -3.78 14.72
CA LEU A 132 -6.75 -3.18 15.59
C LEU A 132 -7.13 -1.79 15.11
N ALA A 133 -6.13 -0.98 14.77
CA ALA A 133 -6.38 0.39 14.29
C ALA A 133 -7.24 0.41 13.03
N THR A 134 -6.96 -0.49 12.10
CA THR A 134 -7.70 -0.58 10.85
C THR A 134 -9.14 -0.91 11.18
N SER A 135 -9.32 -1.87 12.07
CA SER A 135 -10.65 -2.25 12.52
C SER A 135 -11.36 -1.06 13.17
N SER A 136 -10.60 -0.32 13.98
CA SER A 136 -11.10 0.93 14.54
C SER A 136 -11.55 1.88 13.43
N ARG A 137 -10.70 2.05 12.43
CA ARG A 137 -11.02 2.93 11.32
C ARG A 137 -12.32 2.53 10.65
N PHE A 138 -12.44 1.25 10.31
CA PHE A 138 -13.68 0.74 9.73
C PHE A 138 -14.87 1.12 10.58
N ARG A 139 -14.68 1.13 11.90
CA ARG A 139 -15.77 1.45 12.82
C ARG A 139 -16.10 2.94 12.79
N MET A 140 -15.08 3.78 12.93
CA MET A 140 -15.24 5.23 12.76
C MET A 140 -16.08 5.52 11.53
N MET A 141 -15.69 4.92 10.41
CA MET A 141 -16.34 5.13 9.11
C MET A 141 -17.64 4.36 8.94
N ASN A 142 -17.90 3.43 9.84
CA ASN A 142 -19.10 2.62 9.77
C ASN A 142 -19.17 1.87 8.43
N LEU A 143 -18.08 1.20 8.07
CA LEU A 143 -18.02 0.43 6.83
C LEU A 143 -19.17 -0.58 6.70
N GLN A 144 -19.73 -0.68 5.49
CA GLN A 144 -20.85 -1.59 5.23
C GLN A 144 -20.42 -2.86 4.50
N GLY A 145 -21.21 -3.92 4.66
CA GLY A 145 -20.94 -5.20 4.01
C GLY A 145 -20.78 -5.14 2.50
N GLU A 146 -21.62 -4.35 1.84
CA GLU A 146 -21.58 -4.25 0.38
C GLU A 146 -20.29 -3.61 -0.12
N GLU A 147 -19.85 -2.57 0.56
CA GLU A 147 -18.59 -1.92 0.22
C GLU A 147 -17.40 -2.84 0.49
N PHE A 148 -17.41 -3.45 1.67
CA PHE A 148 -16.33 -4.35 2.08
C PHE A 148 -16.03 -5.41 1.02
N VAL A 149 -17.05 -6.08 0.54
CA VAL A 149 -16.88 -7.10 -0.48
C VAL A 149 -16.33 -6.47 -1.76
N CYS A 150 -16.69 -5.22 -2.01
CA CYS A 150 -16.11 -4.49 -3.15
C CYS A 150 -14.63 -4.21 -2.91
N LEU A 151 -14.28 -3.74 -1.70
CA LEU A 151 -12.90 -3.46 -1.33
C LEU A 151 -12.01 -4.68 -1.43
N LYS A 152 -12.51 -5.78 -0.89
CA LYS A 152 -11.83 -7.05 -0.94
C LYS A 152 -11.49 -7.46 -2.39
N SER A 153 -12.43 -7.28 -3.30
CA SER A 153 -12.21 -7.65 -4.70
C SER A 153 -11.16 -6.75 -5.33
N ILE A 154 -11.17 -5.49 -4.93
CA ILE A 154 -10.20 -4.52 -5.43
C ILE A 154 -8.80 -4.97 -5.08
N ILE A 155 -8.60 -5.35 -3.83
CA ILE A 155 -7.32 -5.89 -3.40
C ILE A 155 -6.85 -7.05 -4.28
N LEU A 156 -7.75 -7.96 -4.62
CA LEU A 156 -7.35 -9.12 -5.41
C LEU A 156 -6.87 -8.68 -6.79
N LEU A 157 -7.59 -7.74 -7.37
CA LEU A 157 -7.32 -7.31 -8.73
C LEU A 157 -6.25 -6.24 -8.83
N ASN A 158 -5.97 -5.56 -7.72
CA ASN A 158 -5.07 -4.40 -7.75
C ASN A 158 -3.65 -4.66 -7.25
N SER A 159 -3.45 -5.70 -6.46
CA SER A 159 -2.17 -5.85 -5.76
C SER A 159 -1.08 -6.47 -6.62
N GLY A 160 -1.46 -7.35 -7.51
CA GLY A 160 -0.46 -8.00 -8.33
C GLY A 160 -0.24 -7.33 -9.66
N VAL A 161 -1.18 -6.47 -10.04
CA VAL A 161 -1.29 -6.01 -11.43
C VAL A 161 -0.09 -5.24 -12.00
N TYR A 162 0.50 -4.36 -11.20
CA TYR A 162 1.57 -3.49 -11.70
C TYR A 162 2.95 -4.16 -11.72
N THR A 163 2.96 -5.47 -11.50
CA THR A 163 4.20 -6.23 -11.56
C THR A 163 4.07 -7.45 -12.50
N PHE A 164 3.09 -7.40 -13.39
CA PHE A 164 2.97 -8.42 -14.45
C PHE A 164 4.12 -8.32 -15.44
N LEU A 172 0.68 -6.96 -24.17
CA LEU A 172 -0.01 -7.75 -23.16
C LEU A 172 -1.06 -6.91 -22.41
N GLU A 173 -2.17 -6.66 -23.09
CA GLU A 173 -3.31 -5.91 -22.51
C GLU A 173 -4.30 -6.85 -21.83
N GLU A 174 -3.77 -7.80 -21.07
CA GLU A 174 -4.58 -8.57 -20.16
C GLU A 174 -4.89 -7.62 -19.01
N LYS A 175 -3.94 -6.72 -18.77
CA LYS A 175 -4.03 -5.74 -17.69
C LYS A 175 -5.14 -4.72 -17.91
N ASP A 176 -5.44 -4.44 -19.17
CA ASP A 176 -6.50 -3.49 -19.50
C ASP A 176 -7.84 -4.03 -19.05
N HIS A 177 -8.04 -5.32 -19.24
CA HIS A 177 -9.28 -5.95 -18.82
C HIS A 177 -9.43 -5.83 -17.30
N ILE A 178 -8.34 -6.02 -16.58
CA ILE A 178 -8.33 -5.90 -15.14
C ILE A 178 -8.71 -4.49 -14.72
N HIS A 179 -8.32 -3.52 -15.52
CA HIS A 179 -8.61 -2.14 -15.17
C HIS A 179 -10.06 -1.80 -15.46
N ARG A 180 -10.62 -2.44 -16.47
CA ARG A 180 -12.04 -2.26 -16.76
C ARG A 180 -12.91 -2.75 -15.60
N VAL A 181 -12.59 -3.93 -15.06
CA VAL A 181 -13.36 -4.46 -13.94
C VAL A 181 -13.14 -3.62 -12.68
N LEU A 182 -11.91 -3.18 -12.47
CA LEU A 182 -11.60 -2.21 -11.42
C LEU A 182 -12.52 -0.99 -11.50
N ASP A 183 -12.71 -0.47 -12.71
CA ASP A 183 -13.59 0.68 -12.93
C ASP A 183 -15.05 0.31 -12.64
N LYS A 184 -15.43 -0.90 -13.06
CA LYS A 184 -16.77 -1.39 -12.81
C LYS A 184 -17.00 -1.53 -11.31
N ILE A 185 -15.95 -1.85 -10.56
CA ILE A 185 -16.08 -1.96 -9.11
C ILE A 185 -16.08 -0.60 -8.44
N THR A 186 -15.52 0.40 -9.11
CA THR A 186 -15.61 1.77 -8.62
C THR A 186 -17.03 2.27 -8.81
N ASP A 187 -17.53 2.18 -10.04
CA ASP A 187 -18.91 2.53 -10.32
C ASP A 187 -19.80 1.91 -9.25
N THR A 188 -19.57 0.64 -8.95
CA THR A 188 -20.41 -0.09 -8.02
C THR A 188 -20.40 0.59 -6.65
N LEU A 189 -19.21 0.96 -6.18
CA LEU A 189 -19.03 1.58 -4.87
C LEU A 189 -19.72 2.94 -4.78
N ILE A 190 -19.57 3.73 -5.83
CA ILE A 190 -20.21 5.01 -5.93
C ILE A 190 -21.72 4.83 -5.86
N HIS A 191 -22.21 3.86 -6.62
CA HIS A 191 -23.63 3.53 -6.66
C HIS A 191 -24.16 3.28 -5.26
N LEU A 192 -23.41 2.52 -4.48
CA LEU A 192 -23.81 2.20 -3.12
C LEU A 192 -23.93 3.46 -2.26
N MET A 193 -22.96 4.34 -2.37
CA MET A 193 -22.95 5.54 -1.55
C MET A 193 -24.02 6.52 -2.00
N ALA A 194 -24.20 6.61 -3.31
CA ALA A 194 -25.28 7.43 -3.88
C ALA A 194 -26.63 7.07 -3.25
N LYS A 195 -26.99 5.79 -3.29
CA LYS A 195 -28.29 5.41 -2.75
C LYS A 195 -28.28 5.25 -1.23
N ALA A 196 -27.11 5.38 -0.62
CA ALA A 196 -27.00 5.49 0.84
C ALA A 196 -27.34 6.92 1.27
N GLY A 197 -27.54 7.79 0.28
CA GLY A 197 -27.95 9.16 0.54
C GLY A 197 -26.84 10.19 0.65
N LEU A 198 -25.64 9.81 0.21
CA LEU A 198 -24.47 10.68 0.31
C LEU A 198 -24.49 11.78 -0.74
N THR A 199 -24.03 12.97 -0.37
CA THR A 199 -23.92 14.06 -1.33
C THR A 199 -22.78 13.75 -2.30
N LEU A 200 -22.82 14.37 -3.48
CA LEU A 200 -21.81 14.11 -4.50
C LEU A 200 -20.39 14.21 -3.93
N GLN A 201 -20.14 15.29 -3.18
CA GLN A 201 -18.86 15.50 -2.53
C GLN A 201 -18.56 14.43 -1.48
N GLN A 202 -19.59 14.06 -0.72
CA GLN A 202 -19.45 13.04 0.33
C GLN A 202 -19.14 11.65 -0.25
N GLN A 203 -19.52 11.45 -1.51
CA GLN A 203 -19.23 10.22 -2.23
C GLN A 203 -17.75 10.14 -2.64
N HIS A 204 -17.18 11.27 -3.08
CA HIS A 204 -15.78 11.30 -3.46
C HIS A 204 -14.91 11.06 -2.25
N GLN A 205 -15.24 11.75 -1.17
CA GLN A 205 -14.44 11.67 0.02
C GLN A 205 -14.42 10.25 0.57
N ARG A 206 -15.59 9.64 0.69
CA ARG A 206 -15.68 8.29 1.22
C ARG A 206 -14.90 7.32 0.32
N LEU A 207 -15.13 7.42 -0.98
CA LEU A 207 -14.47 6.57 -1.95
C LEU A 207 -12.97 6.63 -1.76
N ALA A 208 -12.45 7.86 -1.61
CA ALA A 208 -11.04 8.08 -1.32
C ALA A 208 -10.64 7.52 0.05
N GLN A 209 -11.47 7.73 1.06
CA GLN A 209 -11.14 7.24 2.40
C GLN A 209 -10.98 5.72 2.41
N LEU A 210 -11.86 5.04 1.69
CA LEU A 210 -11.84 3.58 1.63
C LEU A 210 -10.58 3.09 0.94
N LEU A 211 -10.35 3.58 -0.27
CA LEU A 211 -9.19 3.17 -1.06
C LEU A 211 -7.85 3.56 -0.42
N LEU A 212 -7.86 4.60 0.41
CA LEU A 212 -6.64 4.99 1.08
C LEU A 212 -6.25 3.97 2.13
N ILE A 213 -7.25 3.31 2.70
CA ILE A 213 -7.05 2.30 3.72
C ILE A 213 -6.30 1.11 3.15
N LEU A 214 -6.59 0.78 1.90
CA LEU A 214 -5.92 -0.34 1.24
C LEU A 214 -4.41 -0.13 1.26
N SER A 215 -4.00 1.13 1.33
CA SER A 215 -2.59 1.42 1.36
C SER A 215 -2.04 0.88 2.67
N HIS A 216 -2.78 1.11 3.75
CA HIS A 216 -2.31 0.65 5.06
C HIS A 216 -2.38 -0.87 5.11
N ILE A 217 -3.38 -1.44 4.45
CA ILE A 217 -3.53 -2.88 4.44
C ILE A 217 -2.40 -3.53 3.67
N ARG A 218 -1.87 -2.84 2.66
CA ARG A 218 -0.73 -3.35 1.93
C ARG A 218 0.47 -3.40 2.87
N HIS A 219 0.59 -2.35 3.67
CA HIS A 219 1.69 -2.23 4.63
C HIS A 219 1.63 -3.35 5.66
N MET A 220 0.46 -3.57 6.23
CA MET A 220 0.30 -4.62 7.21
C MET A 220 0.73 -5.97 6.66
N SER A 221 0.31 -6.25 5.43
CA SER A 221 0.63 -7.49 4.76
C SER A 221 2.14 -7.64 4.48
N ASN A 222 2.78 -6.56 4.04
CA ASN A 222 4.22 -6.59 3.84
C ASN A 222 4.91 -6.95 5.16
N LYS A 223 4.63 -6.16 6.19
CA LYS A 223 5.14 -6.40 7.53
C LYS A 223 4.82 -7.81 8.02
N GLY A 224 3.57 -8.22 7.86
CA GLY A 224 3.12 -9.54 8.30
C GLY A 224 3.88 -10.62 7.58
N MET A 225 3.97 -10.49 6.26
CA MET A 225 4.70 -11.45 5.44
C MET A 225 6.06 -11.73 6.06
N GLU A 226 6.78 -10.67 6.41
CA GLU A 226 8.13 -10.78 6.98
C GLU A 226 8.13 -11.47 8.33
N HIS A 227 7.09 -11.21 9.11
CA HIS A 227 6.94 -11.87 10.39
C HIS A 227 6.83 -13.40 10.22
N LEU A 228 6.05 -13.81 9.21
CA LEU A 228 5.84 -15.21 8.91
C LEU A 228 7.15 -15.86 8.48
N TYR A 229 7.84 -15.23 7.53
CA TYR A 229 9.14 -15.71 7.08
C TYR A 229 10.06 -15.85 8.29
N SER A 230 10.03 -14.85 9.16
CA SER A 230 10.82 -14.87 10.37
C SER A 230 10.50 -16.11 11.20
N MET A 231 9.21 -16.31 11.47
CA MET A 231 8.76 -17.44 12.28
C MET A 231 9.16 -18.79 11.70
N LYS A 232 9.21 -18.90 10.38
CA LYS A 232 9.59 -20.16 9.77
C LYS A 232 11.09 -20.38 9.90
N CME A 233 11.86 -19.33 9.61
CA CME A 233 13.31 -19.41 9.79
CB CME A 233 13.97 -18.07 9.52
SG CME A 233 14.35 -17.95 7.80
SD CME A 233 14.59 -19.86 7.24
CE CME A 233 15.41 -20.10 5.70
CZ CME A 233 14.86 -21.37 5.05
OH CME A 233 15.71 -22.48 5.36
C CME A 233 13.61 -19.85 11.20
O CME A 233 14.48 -20.68 11.43
N LYS A 234 12.88 -19.27 12.15
CA LYS A 234 13.04 -19.62 13.56
C LYS A 234 12.59 -21.06 13.82
N ASN A 235 11.90 -21.64 12.85
CA ASN A 235 11.34 -22.99 12.98
C ASN A 235 10.56 -23.15 14.28
N VAL A 236 9.73 -22.16 14.59
CA VAL A 236 8.93 -22.20 15.81
C VAL A 236 7.70 -23.08 15.56
N VAL A 237 7.11 -22.96 14.37
CA VAL A 237 6.03 -23.84 13.96
C VAL A 237 6.15 -24.17 12.47
N PRO A 238 5.85 -25.43 12.09
CA PRO A 238 5.85 -25.85 10.70
C PRO A 238 4.57 -25.43 10.00
N LEU A 239 4.70 -24.62 8.96
CA LEU A 239 3.56 -24.12 8.21
C LEU A 239 3.17 -25.17 7.19
N SER A 240 1.91 -25.16 6.79
CA SER A 240 1.44 -26.09 5.75
C SER A 240 2.27 -25.90 4.49
N ASP A 241 2.01 -26.73 3.49
CA ASP A 241 2.73 -26.59 2.24
C ASP A 241 2.13 -25.56 1.30
N LEU A 242 0.87 -25.18 1.53
CA LEU A 242 0.29 -24.07 0.78
C LEU A 242 0.84 -22.77 1.34
N LEU A 243 0.81 -22.64 2.66
CA LEU A 243 1.37 -21.48 3.31
C LEU A 243 2.78 -21.22 2.83
N LEU A 244 3.61 -22.25 2.87
CA LEU A 244 5.02 -22.09 2.54
C LEU A 244 5.25 -21.75 1.06
N GLU A 245 4.27 -22.06 0.21
CA GLU A 245 4.32 -21.62 -1.20
C GLU A 245 3.90 -20.17 -1.34
N MET A 246 2.75 -19.82 -0.76
CA MET A 246 2.28 -18.45 -0.80
C MET A 246 3.34 -17.53 -0.21
N LEU A 247 4.10 -18.07 0.74
CA LEU A 247 5.09 -17.28 1.44
C LEU A 247 6.33 -17.08 0.58
N ASP A 248 6.77 -18.14 -0.08
CA ASP A 248 7.96 -18.08 -0.93
C ASP A 248 7.75 -17.30 -2.22
N ALA A 249 6.50 -17.09 -2.62
CA ALA A 249 6.21 -16.27 -3.78
C ALA A 249 6.75 -14.86 -3.58
N HIS A 250 6.77 -14.41 -2.32
CA HIS A 250 7.22 -13.06 -1.97
C HIS A 250 8.75 -12.89 -1.85
N ARG A 251 9.48 -14.00 -1.74
CA ARG A 251 10.94 -13.98 -1.75
C ARG A 251 11.52 -15.13 -0.92
N LEU B 9 -5.99 27.02 8.65
CA LEU B 9 -6.07 27.79 7.37
C LEU B 9 -6.33 26.87 6.19
N ALA B 10 -5.61 25.74 6.17
CA ALA B 10 -5.73 24.75 5.10
C ALA B 10 -7.17 24.43 4.70
N LEU B 11 -8.07 24.40 5.68
CA LEU B 11 -9.43 23.99 5.44
C LEU B 11 -10.26 24.99 4.64
N SER B 12 -9.96 26.29 4.81
CA SER B 12 -10.74 27.32 4.14
C SER B 12 -10.08 27.81 2.85
N LEU B 13 -9.25 26.96 2.27
CA LEU B 13 -8.60 27.26 1.00
C LEU B 13 -9.43 26.75 -0.15
N THR B 14 -9.60 27.58 -1.18
CA THR B 14 -10.28 27.12 -2.38
C THR B 14 -9.45 26.03 -3.03
N ALA B 15 -10.08 25.22 -3.87
CA ALA B 15 -9.36 24.17 -4.56
C ALA B 15 -8.18 24.77 -5.29
N ASP B 16 -8.42 25.90 -5.96
CA ASP B 16 -7.38 26.57 -6.73
C ASP B 16 -6.21 26.99 -5.85
N GLN B 17 -6.52 27.59 -4.70
CA GLN B 17 -5.48 28.04 -3.78
C GLN B 17 -4.69 26.87 -3.21
N MET B 18 -5.34 25.70 -3.19
CA MET B 18 -4.69 24.48 -2.74
C MET B 18 -3.62 24.03 -3.73
N VAL B 19 -4.02 23.92 -4.99
CA VAL B 19 -3.12 23.48 -6.05
C VAL B 19 -1.90 24.39 -6.18
N SER B 20 -2.14 25.70 -6.11
CA SER B 20 -1.06 26.67 -6.20
C SER B 20 -0.12 26.54 -5.02
N ALA B 21 -0.67 26.49 -3.81
CA ALA B 21 0.17 26.42 -2.62
C ALA B 21 1.10 25.22 -2.70
N LEU B 22 0.60 24.12 -3.25
CA LEU B 22 1.37 22.88 -3.41
C LEU B 22 2.42 22.96 -4.52
N LEU B 23 2.09 23.61 -5.64
CA LEU B 23 3.02 23.73 -6.74
C LEU B 23 4.20 24.60 -6.35
N ASP B 24 3.96 25.54 -5.42
CA ASP B 24 4.99 26.48 -5.01
C ASP B 24 5.83 25.88 -3.91
N ALA B 25 5.27 24.86 -3.26
CA ALA B 25 6.01 24.14 -2.22
C ALA B 25 6.99 23.13 -2.81
N GLU B 26 6.87 22.84 -4.10
CA GLU B 26 7.72 21.82 -4.72
C GLU B 26 9.20 21.97 -4.42
N PRO B 27 9.85 20.88 -4.00
CA PRO B 27 11.29 20.88 -3.75
C PRO B 27 11.97 20.94 -5.09
N PRO B 28 13.19 21.46 -5.13
CA PRO B 28 13.89 21.53 -6.41
C PRO B 28 14.38 20.15 -6.83
N ILE B 29 14.78 20.01 -8.10
CA ILE B 29 15.41 18.78 -8.56
C ILE B 29 16.90 18.87 -8.35
N LEU B 30 17.45 17.90 -7.64
CA LEU B 30 18.85 17.91 -7.22
C LEU B 30 19.73 17.15 -8.19
N TYR B 31 21.03 17.33 -8.06
CA TYR B 31 21.98 16.69 -8.97
C TYR B 31 22.87 15.68 -8.27
N SER B 32 23.32 14.71 -9.04
CA SER B 32 24.24 13.71 -8.54
C SER B 32 25.64 14.29 -8.55
N GLU B 33 26.49 13.80 -7.67
CA GLU B 33 27.90 14.17 -7.69
C GLU B 33 28.61 13.28 -8.69
N TYR B 34 27.81 12.39 -9.28
CA TYR B 34 28.28 11.39 -10.23
C TYR B 34 29.21 11.99 -11.27
N ASP B 35 30.42 11.43 -11.37
CA ASP B 35 31.27 11.84 -12.45
C ASP B 35 31.40 10.70 -13.46
N PRO B 36 30.78 10.93 -14.62
CA PRO B 36 30.45 10.09 -15.79
C PRO B 36 31.61 9.32 -16.37
N THR B 37 32.82 9.83 -16.18
CA THR B 37 33.99 9.13 -16.70
C THR B 37 34.53 8.12 -15.69
N ARG B 38 33.79 7.89 -14.60
CA ARG B 38 34.14 6.87 -13.61
C ARG B 38 33.18 5.67 -13.68
N PRO B 39 33.72 4.44 -13.60
CA PRO B 39 32.95 3.19 -13.70
C PRO B 39 32.10 2.94 -12.45
N PHE B 40 31.00 2.18 -12.60
CA PHE B 40 30.09 1.86 -11.49
C PHE B 40 30.39 0.58 -10.71
N SER B 41 29.92 0.54 -9.46
CA SER B 41 30.14 -0.56 -8.54
C SER B 41 28.94 -0.59 -7.62
N GLU B 42 28.67 -1.74 -7.03
CA GLU B 42 27.57 -1.82 -6.10
C GLU B 42 27.77 -0.76 -5.02
N ALA B 43 29.02 -0.48 -4.71
CA ALA B 43 29.36 0.53 -3.71
C ALA B 43 29.19 1.95 -4.23
N SER B 44 29.68 2.22 -5.43
CA SER B 44 29.62 3.56 -5.98
C SER B 44 28.20 3.98 -6.33
N MET B 45 27.39 3.06 -6.85
CA MET B 45 25.99 3.37 -7.10
C MET B 45 25.24 3.63 -5.80
N MET B 46 25.33 2.69 -4.87
CA MET B 46 24.69 2.86 -3.57
C MET B 46 25.17 4.14 -2.88
N GLY B 47 26.45 4.47 -3.05
CA GLY B 47 26.97 5.74 -2.57
C GLY B 47 26.33 6.94 -3.25
N LEU B 48 26.23 6.90 -4.57
CA LEU B 48 25.65 8.02 -5.31
C LEU B 48 24.19 8.27 -4.93
N LEU B 49 23.41 7.20 -4.83
CA LEU B 49 22.00 7.42 -4.61
C LEU B 49 21.53 7.52 -3.16
N THR B 50 22.37 7.12 -2.21
CA THR B 50 22.07 7.45 -0.82
C THR B 50 22.59 8.85 -0.51
N ASN B 51 23.68 9.23 -1.18
CA ASN B 51 24.13 10.62 -1.11
C ASN B 51 23.01 11.54 -1.62
N LEU B 52 22.40 11.13 -2.73
CA LEU B 52 21.33 11.91 -3.33
C LEU B 52 20.07 11.91 -2.46
N ALA B 53 19.69 10.74 -1.95
CA ALA B 53 18.50 10.65 -1.09
C ALA B 53 18.66 11.50 0.16
N ASP B 54 19.87 11.54 0.67
CA ASP B 54 20.17 12.22 1.91
C ASP B 54 20.07 13.75 1.76
N ARG B 55 20.53 14.30 0.64
CA ARG B 55 20.33 15.72 0.38
C ARG B 55 18.88 16.04 0.04
N GLU B 56 18.19 15.11 -0.60
CA GLU B 56 16.79 15.31 -0.96
C GLU B 56 15.90 15.34 0.28
N LEU B 57 16.32 14.57 1.30
CA LEU B 57 15.58 14.50 2.54
C LEU B 57 15.41 15.87 3.15
N VAL B 58 16.48 16.65 3.10
CA VAL B 58 16.49 17.98 3.68
C VAL B 58 15.44 18.87 3.03
N HIS B 59 15.27 18.74 1.73
CA HIS B 59 14.31 19.55 0.99
C HIS B 59 12.89 19.05 1.19
N MET B 60 12.73 17.77 1.45
CA MET B 60 11.42 17.20 1.71
C MET B 60 10.83 17.72 3.03
N ILE B 61 11.65 17.76 4.08
CA ILE B 61 11.23 18.33 5.34
C ILE B 61 10.61 19.71 5.09
N ASN B 62 11.35 20.55 4.37
CA ASN B 62 10.89 21.89 4.04
C ASN B 62 9.55 21.87 3.37
N TRP B 63 9.47 21.11 2.28
CA TRP B 63 8.25 21.02 1.51
C TRP B 63 7.12 20.56 2.43
N ALA B 64 7.43 19.66 3.34
CA ALA B 64 6.42 19.15 4.27
C ALA B 64 5.77 20.31 5.01
N LYS B 65 6.56 21.19 5.60
CA LYS B 65 5.96 22.26 6.39
C LYS B 65 5.38 23.37 5.54
N ARG B 66 5.42 23.20 4.22
CA ARG B 66 4.73 24.12 3.32
C ARG B 66 3.48 23.48 2.75
N VAL B 67 3.18 22.27 3.20
CA VAL B 67 1.94 21.59 2.83
C VAL B 67 0.84 22.02 3.80
N PRO B 68 -0.23 22.61 3.24
CA PRO B 68 -1.24 23.23 4.07
C PRO B 68 -1.74 22.28 5.16
N GLY B 69 -1.71 22.73 6.40
CA GLY B 69 -2.22 21.95 7.53
C GLY B 69 -1.20 21.04 8.18
N PHE B 70 -0.01 20.97 7.61
CA PHE B 70 1.08 20.18 8.17
C PHE B 70 1.74 20.86 9.37
N VAL B 71 2.09 22.14 9.26
CA VAL B 71 2.63 22.85 10.43
C VAL B 71 1.63 22.87 11.58
N ASP B 72 0.36 22.64 11.25
CA ASP B 72 -0.71 22.64 12.24
C ASP B 72 -0.69 21.42 13.16
N LEU B 73 0.07 20.40 12.78
CA LEU B 73 0.17 19.19 13.59
C LEU B 73 1.24 19.31 14.66
N THR B 74 1.04 18.61 15.77
CA THR B 74 2.06 18.52 16.81
C THR B 74 3.35 18.11 16.15
N LEU B 75 4.48 18.54 16.71
CA LEU B 75 5.77 18.22 16.15
C LEU B 75 6.03 16.72 16.08
N HIS B 76 5.55 15.98 17.08
CA HIS B 76 5.70 14.53 17.06
C HIS B 76 4.88 13.85 15.94
N ASP B 77 3.67 14.35 15.71
CA ASP B 77 2.85 13.94 14.56
C ASP B 77 3.66 14.14 13.30
N GLN B 78 4.17 15.36 13.15
CA GLN B 78 4.99 15.71 12.01
C GLN B 78 6.10 14.70 11.83
N VAL B 79 6.79 14.38 12.92
CA VAL B 79 7.89 13.42 12.88
C VAL B 79 7.42 12.04 12.39
N HIS B 80 6.37 11.54 13.01
CA HIS B 80 5.80 10.24 12.70
C HIS B 80 5.37 10.16 11.22
N LEU B 81 4.63 11.16 10.79
CA LEU B 81 4.21 11.23 9.40
C LEU B 81 5.39 11.08 8.44
N LEU B 82 6.46 11.81 8.69
CA LEU B 82 7.63 11.81 7.81
C LEU B 82 8.46 10.52 7.88
N GLU B 83 8.59 9.98 9.09
CA GLU B 83 9.29 8.73 9.28
C GLU B 83 8.62 7.62 8.49
N CME B 84 7.30 7.65 8.45
CA CME B 84 6.52 6.66 7.73
CB CME B 84 5.04 6.71 8.13
CB CME B 84 5.09 6.76 8.23
SG CME B 84 4.80 6.46 9.87
SG CME B 84 4.07 5.68 7.31
SD CME B 84 5.12 4.49 10.12
SD CME B 84 4.00 3.94 8.34
CE CME B 84 4.62 3.50 8.75
CE CME B 84 4.75 4.02 9.95
CZ CME B 84 3.18 3.07 8.99
CZ CME B 84 5.28 2.64 10.34
OH CME B 84 2.84 2.07 8.02
OH CME B 84 6.60 2.45 9.79
C CME B 84 6.60 6.80 6.24
O CME B 84 6.82 5.83 5.53
N ALA B 85 6.46 8.03 5.73
CA ALA B 85 6.29 8.28 4.30
C ALA B 85 7.55 8.65 3.49
N TRP B 86 8.66 8.93 4.16
CA TRP B 86 9.83 9.49 3.48
C TRP B 86 10.25 8.77 2.20
N LEU B 87 10.29 7.44 2.20
CA LEU B 87 10.73 6.73 1.00
C LEU B 87 9.66 6.70 -0.10
N GLU B 88 8.40 6.63 0.30
CA GLU B 88 7.30 6.69 -0.66
C GLU B 88 7.40 8.01 -1.39
N ILE B 89 7.61 9.08 -0.62
CA ILE B 89 7.72 10.41 -1.19
C ILE B 89 8.95 10.59 -2.08
N LEU B 90 10.05 9.92 -1.79
CA LEU B 90 11.15 10.00 -2.75
C LEU B 90 10.77 9.20 -3.99
N MET B 91 10.04 8.10 -3.78
CA MET B 91 9.74 7.21 -4.88
C MET B 91 8.76 7.79 -5.87
N ILE B 92 7.69 8.42 -5.37
CA ILE B 92 6.73 9.06 -6.24
C ILE B 92 7.37 10.24 -6.99
N GLY B 93 8.31 10.94 -6.34
CA GLY B 93 9.10 11.93 -7.06
C GLY B 93 9.88 11.29 -8.21
N LEU B 94 10.60 10.21 -7.90
CA LEU B 94 11.38 9.49 -8.88
C LEU B 94 10.50 9.09 -10.07
N VAL B 95 9.46 8.33 -9.76
CA VAL B 95 8.52 7.85 -10.75
C VAL B 95 7.95 8.98 -11.62
N TRP B 96 7.61 10.11 -11.02
CA TRP B 96 7.13 11.28 -11.78
C TRP B 96 8.20 11.89 -12.67
N ARG B 97 9.40 12.02 -12.13
CA ARG B 97 10.54 12.55 -12.86
C ARG B 97 10.87 11.67 -14.09
N SER B 98 10.80 10.35 -13.93
CA SER B 98 11.18 9.45 -15.02
C SER B 98 10.08 9.27 -16.07
N MET B 99 8.98 9.99 -15.91
CA MET B 99 7.83 9.84 -16.78
C MET B 99 8.16 9.91 -18.28
N GLU B 100 8.78 11.01 -18.69
CA GLU B 100 9.14 11.23 -20.11
C GLU B 100 10.41 10.54 -20.50
N HIS B 101 10.87 9.59 -19.71
CA HIS B 101 12.01 8.79 -20.09
C HIS B 101 11.61 7.36 -19.83
N PRO B 102 10.82 6.78 -20.74
CA PRO B 102 10.39 5.40 -20.54
C PRO B 102 11.58 4.45 -20.60
N GLY B 103 11.53 3.41 -19.78
CA GLY B 103 12.62 2.45 -19.70
C GLY B 103 13.73 2.88 -18.76
N LYS B 104 13.66 4.12 -18.29
CA LYS B 104 14.73 4.70 -17.47
C LYS B 104 14.26 5.41 -16.20
N LEU B 105 15.13 5.47 -15.19
CA LEU B 105 14.83 6.14 -13.93
C LEU B 105 15.71 7.38 -13.73
N LEU B 106 15.10 8.55 -13.83
CA LEU B 106 15.82 9.80 -13.64
C LEU B 106 15.91 10.13 -12.15
N PHE B 107 16.95 9.59 -11.51
CA PHE B 107 17.21 9.90 -10.11
C PHE B 107 17.66 11.36 -10.03
N ALA B 108 18.49 11.74 -10.99
CA ALA B 108 18.95 13.11 -11.09
C ALA B 108 19.18 13.42 -12.56
N PRO B 109 19.02 14.69 -12.94
CA PRO B 109 19.14 15.07 -14.34
C PRO B 109 20.42 14.52 -14.98
N ASN B 110 21.42 14.22 -14.17
CA ASN B 110 22.64 13.62 -14.67
C ASN B 110 22.89 12.23 -14.07
N LEU B 111 21.80 11.60 -13.65
CA LEU B 111 21.83 10.23 -13.18
C LEU B 111 20.61 9.49 -13.71
N LEU B 112 20.66 9.15 -14.99
CA LEU B 112 19.59 8.43 -15.64
C LEU B 112 19.99 6.96 -15.68
N LEU B 113 19.35 6.13 -14.85
CA LEU B 113 19.67 4.71 -14.84
C LEU B 113 18.67 3.87 -15.64
N ASP B 114 19.18 2.95 -16.46
CA ASP B 114 18.31 2.02 -17.15
C ASP B 114 18.19 0.68 -16.44
N ARG B 115 17.33 -0.17 -16.98
CA ARG B 115 17.00 -1.45 -16.36
C ARG B 115 18.25 -2.28 -15.99
N ASN B 116 19.21 -2.37 -16.91
CA ASN B 116 20.44 -3.15 -16.70
C ASN B 116 21.33 -2.68 -15.58
N GLN B 117 21.29 -1.38 -15.30
CA GLN B 117 22.17 -0.78 -14.31
C GLN B 117 21.70 -1.08 -12.89
N GLY B 118 20.58 -1.75 -12.77
CA GLY B 118 20.06 -2.13 -11.46
C GLY B 118 20.70 -3.42 -10.99
N LYS B 119 21.17 -4.21 -11.94
CA LYS B 119 21.90 -5.44 -11.65
C LYS B 119 23.16 -5.13 -10.85
N CME B 120 23.63 -3.89 -10.93
CA CME B 120 24.85 -3.47 -10.26
CB CME B 120 25.14 -2.01 -10.59
SG CME B 120 25.85 -1.96 -12.21
SD CME B 120 27.53 -3.02 -11.96
CE CME B 120 27.99 -4.06 -13.29
CZ CME B 120 27.64 -3.37 -14.61
OH CME B 120 26.66 -4.16 -15.30
C CME B 120 24.78 -3.65 -8.77
O CME B 120 25.81 -3.74 -8.09
N VAL B 121 23.56 -3.71 -8.25
CA VAL B 121 23.35 -3.95 -6.82
C VAL B 121 22.43 -5.14 -6.64
N GLU B 122 22.85 -6.09 -5.81
CA GLU B 122 22.02 -7.27 -5.65
C GLU B 122 20.77 -6.94 -4.83
N GLY B 123 19.62 -7.38 -5.33
CA GLY B 123 18.34 -7.04 -4.75
C GLY B 123 17.77 -5.71 -5.21
N MET B 124 18.41 -5.06 -6.18
CA MET B 124 17.95 -3.75 -6.62
C MET B 124 17.10 -3.85 -7.88
N VAL B 125 17.41 -4.81 -8.73
CA VAL B 125 16.74 -4.91 -10.02
C VAL B 125 15.23 -5.14 -9.92
N GLU B 126 14.76 -5.81 -8.88
CA GLU B 126 13.31 -5.99 -8.75
C GLU B 126 12.59 -4.74 -8.28
N ILE B 127 13.29 -3.88 -7.55
CA ILE B 127 12.66 -2.65 -7.16
C ILE B 127 12.72 -1.66 -8.31
N PHE B 128 13.80 -1.72 -9.06
CA PHE B 128 13.91 -1.01 -10.32
C PHE B 128 12.69 -1.33 -11.16
N ASP B 129 12.44 -2.61 -11.39
CA ASP B 129 11.32 -3.05 -12.22
C ASP B 129 9.98 -2.49 -11.76
N MET B 130 9.68 -2.61 -10.47
CA MET B 130 8.44 -2.09 -9.91
C MET B 130 8.35 -0.59 -10.17
N LEU B 131 9.46 0.11 -9.92
CA LEU B 131 9.54 1.56 -10.14
C LEU B 131 9.29 1.95 -11.60
N LEU B 132 9.95 1.27 -12.53
CA LEU B 132 9.69 1.56 -13.95
C LEU B 132 8.21 1.29 -14.30
N ALA B 133 7.67 0.18 -13.79
CA ALA B 133 6.27 -0.16 -14.04
C ALA B 133 5.33 0.95 -13.54
N THR B 134 5.69 1.60 -12.44
CA THR B 134 4.86 2.69 -11.91
C THR B 134 4.90 3.95 -12.77
N SER B 135 6.09 4.46 -13.07
CA SER B 135 6.16 5.66 -13.90
C SER B 135 5.49 5.38 -15.26
N SER B 136 5.67 4.16 -15.76
CA SER B 136 4.99 3.71 -16.96
C SER B 136 3.46 3.79 -16.80
N ARG B 137 2.96 3.41 -15.62
CA ARG B 137 1.52 3.51 -15.34
C ARG B 137 1.09 4.98 -15.35
N PHE B 138 1.91 5.84 -14.74
CA PHE B 138 1.66 7.27 -14.72
C PHE B 138 1.55 7.85 -16.12
N ARG B 139 2.56 7.58 -16.93
CA ARG B 139 2.63 8.09 -18.29
C ARG B 139 1.45 7.58 -19.12
N MET B 140 1.18 6.29 -19.00
CA MET B 140 0.07 5.67 -19.68
C MET B 140 -1.21 6.38 -19.26
N MET B 141 -1.30 6.70 -17.98
CA MET B 141 -2.47 7.38 -17.45
C MET B 141 -2.42 8.88 -17.70
N ASN B 142 -1.25 9.36 -18.10
CA ASN B 142 -1.05 10.76 -18.45
C ASN B 142 -1.31 11.73 -17.29
N LEU B 143 -0.78 11.37 -16.13
CA LEU B 143 -0.84 12.15 -14.89
C LEU B 143 -0.33 13.59 -15.07
N GLN B 144 -1.03 14.56 -14.49
CA GLN B 144 -0.69 15.96 -14.62
C GLN B 144 0.05 16.49 -13.41
N GLY B 145 1.01 17.38 -13.64
CA GLY B 145 1.79 17.95 -12.56
C GLY B 145 0.93 18.31 -11.37
N GLU B 146 -0.22 18.92 -11.64
CA GLU B 146 -1.15 19.32 -10.59
C GLU B 146 -1.70 18.11 -9.85
N GLU B 147 -2.07 17.06 -10.57
CA GLU B 147 -2.54 15.85 -9.90
C GLU B 147 -1.41 15.21 -9.09
N PHE B 148 -0.20 15.19 -9.66
CA PHE B 148 0.94 14.63 -8.97
C PHE B 148 1.21 15.26 -7.61
N VAL B 149 1.17 16.58 -7.53
CA VAL B 149 1.47 17.23 -6.24
C VAL B 149 0.42 16.90 -5.20
N CYS B 150 -0.79 16.58 -5.66
CA CYS B 150 -1.84 16.19 -4.73
C CYS B 150 -1.60 14.81 -4.15
N LEU B 151 -1.22 13.88 -5.04
CA LEU B 151 -0.90 12.52 -4.66
C LEU B 151 0.21 12.46 -3.65
N LYS B 152 1.24 13.26 -3.89
CA LYS B 152 2.39 13.31 -3.00
C LYS B 152 1.98 13.80 -1.63
N SER B 153 1.16 14.84 -1.59
CA SER B 153 0.65 15.36 -0.35
C SER B 153 -0.18 14.30 0.38
N ILE B 154 -0.95 13.53 -0.37
CA ILE B 154 -1.78 12.47 0.22
C ILE B 154 -0.94 11.43 0.94
N ILE B 155 0.13 10.98 0.29
CA ILE B 155 1.00 10.01 0.91
C ILE B 155 1.56 10.51 2.23
N LEU B 156 1.93 11.79 2.28
CA LEU B 156 2.54 12.34 3.49
C LEU B 156 1.57 12.28 4.66
N LEU B 157 0.32 12.67 4.41
CA LEU B 157 -0.70 12.74 5.43
C LEU B 157 -1.39 11.38 5.68
N ASN B 158 -1.39 10.50 4.68
CA ASN B 158 -2.10 9.22 4.81
C ASN B 158 -1.30 8.07 5.41
N SER B 159 -0.06 7.90 4.98
CA SER B 159 0.69 6.69 5.32
C SER B 159 0.83 6.42 6.84
N GLY B 160 1.09 7.46 7.62
CA GLY B 160 1.26 7.26 9.05
C GLY B 160 0.01 7.45 9.88
N VAL B 161 -1.05 7.98 9.28
CA VAL B 161 -2.20 8.42 10.06
C VAL B 161 -2.89 7.31 10.85
N TYR B 162 -2.65 6.06 10.49
CA TYR B 162 -3.35 4.96 11.14
C TYR B 162 -2.52 4.26 12.20
N THR B 163 -1.28 4.72 12.37
CA THR B 163 -0.39 4.13 13.37
C THR B 163 -0.06 5.11 14.50
N PHE B 164 -1.01 6.01 14.78
CA PHE B 164 -0.88 6.92 15.91
C PHE B 164 -1.43 6.27 17.18
N LYS B 175 -7.16 11.24 14.27
CA LYS B 175 -6.76 12.57 13.83
C LYS B 175 -7.72 13.11 12.78
N ASP B 176 -8.78 13.74 13.28
CA ASP B 176 -9.80 14.35 12.44
C ASP B 176 -9.19 15.40 11.53
N HIS B 177 -8.34 16.24 12.10
CA HIS B 177 -7.68 17.28 11.33
C HIS B 177 -7.01 16.69 10.09
N ILE B 178 -6.26 15.62 10.27
CA ILE B 178 -5.56 14.98 9.16
C ILE B 178 -6.56 14.43 8.14
N HIS B 179 -7.66 13.87 8.61
CA HIS B 179 -8.67 13.33 7.71
C HIS B 179 -9.43 14.41 6.96
N ARG B 180 -9.67 15.53 7.63
CA ARG B 180 -10.32 16.67 7.01
C ARG B 180 -9.42 17.30 5.94
N VAL B 181 -8.12 17.35 6.21
CA VAL B 181 -7.20 17.88 5.22
C VAL B 181 -7.16 16.93 4.04
N LEU B 182 -7.10 15.63 4.34
CA LEU B 182 -7.08 14.57 3.35
C LEU B 182 -8.33 14.66 2.46
N ASP B 183 -9.45 15.02 3.07
CA ASP B 183 -10.71 15.25 2.32
C ASP B 183 -10.62 16.50 1.44
N LYS B 184 -9.90 17.51 1.90
CA LYS B 184 -9.72 18.70 1.10
C LYS B 184 -8.87 18.42 -0.14
N ILE B 185 -7.82 17.61 0.01
CA ILE B 185 -6.98 17.26 -1.12
C ILE B 185 -7.74 16.38 -2.12
N THR B 186 -8.64 15.57 -1.60
CA THR B 186 -9.48 14.77 -2.48
C THR B 186 -10.42 15.66 -3.32
N ASP B 187 -11.05 16.63 -2.67
CA ASP B 187 -11.88 17.60 -3.39
C ASP B 187 -11.08 18.23 -4.54
N THR B 188 -9.85 18.65 -4.22
CA THR B 188 -8.98 19.32 -5.19
C THR B 188 -8.67 18.42 -6.38
N LEU B 189 -8.43 17.14 -6.12
CA LEU B 189 -8.14 16.22 -7.20
C LEU B 189 -9.30 16.21 -8.20
N ILE B 190 -10.51 16.07 -7.67
CA ILE B 190 -11.73 16.07 -8.45
C ILE B 190 -11.92 17.40 -9.16
N HIS B 191 -11.78 18.50 -8.42
CA HIS B 191 -11.81 19.83 -8.98
C HIS B 191 -11.04 19.85 -10.31
N LEU B 192 -9.80 19.36 -10.26
CA LEU B 192 -8.92 19.33 -11.41
C LEU B 192 -9.49 18.52 -12.57
N MET B 193 -10.08 17.37 -12.24
CA MET B 193 -10.65 16.51 -13.26
C MET B 193 -11.90 17.12 -13.85
N ALA B 194 -12.75 17.68 -12.99
CA ALA B 194 -13.97 18.32 -13.44
C ALA B 194 -13.68 19.49 -14.37
N LYS B 195 -12.53 20.14 -14.17
CA LYS B 195 -12.20 21.27 -15.02
C LYS B 195 -11.30 20.89 -16.19
N ALA B 196 -10.98 19.60 -16.31
CA ALA B 196 -10.22 19.12 -17.46
C ALA B 196 -11.15 18.50 -18.52
N GLY B 197 -12.43 18.40 -18.18
CA GLY B 197 -13.44 17.96 -19.14
C GLY B 197 -14.02 16.59 -18.85
N LEU B 198 -13.45 15.90 -17.88
CA LEU B 198 -13.86 14.55 -17.56
C LEU B 198 -15.29 14.53 -17.05
N THR B 199 -16.07 13.57 -17.54
CA THR B 199 -17.44 13.42 -17.10
C THR B 199 -17.48 12.99 -15.64
N LEU B 200 -18.66 12.73 -15.12
CA LEU B 200 -18.79 12.44 -13.69
C LEU B 200 -18.26 11.06 -13.31
N GLN B 201 -18.55 10.04 -14.12
CA GLN B 201 -18.04 8.71 -13.81
C GLN B 201 -16.56 8.61 -14.12
N GLN B 202 -16.12 9.39 -15.09
CA GLN B 202 -14.71 9.41 -15.47
C GLN B 202 -13.90 10.01 -14.34
N GLN B 203 -14.44 11.05 -13.72
CA GLN B 203 -13.82 11.65 -12.53
C GLN B 203 -13.57 10.60 -11.46
N HIS B 204 -14.62 9.89 -11.05
CA HIS B 204 -14.46 8.96 -9.92
C HIS B 204 -13.66 7.69 -10.27
N GLN B 205 -13.60 7.35 -11.55
CA GLN B 205 -12.78 6.23 -11.99
C GLN B 205 -11.29 6.60 -11.96
N ARG B 206 -10.96 7.79 -12.46
CA ARG B 206 -9.56 8.23 -12.46
C ARG B 206 -9.04 8.39 -11.02
N LEU B 207 -9.92 8.86 -10.15
CA LEU B 207 -9.58 9.08 -8.75
C LEU B 207 -9.32 7.73 -8.06
N ALA B 208 -10.09 6.72 -8.44
CA ALA B 208 -9.81 5.37 -7.94
C ALA B 208 -8.49 4.84 -8.46
N GLN B 209 -8.23 5.00 -9.75
CA GLN B 209 -7.03 4.44 -10.37
C GLN B 209 -5.79 5.11 -9.79
N LEU B 210 -5.93 6.39 -9.47
CA LEU B 210 -4.86 7.17 -8.87
C LEU B 210 -4.49 6.63 -7.50
N LEU B 211 -5.45 6.61 -6.60
CA LEU B 211 -5.22 6.16 -5.23
C LEU B 211 -4.85 4.67 -5.16
N LEU B 212 -5.33 3.86 -6.10
CA LEU B 212 -4.93 2.47 -6.12
C LEU B 212 -3.44 2.31 -6.41
N ILE B 213 -2.84 3.32 -7.04
CA ILE B 213 -1.43 3.24 -7.36
C ILE B 213 -0.57 3.53 -6.13
N LEU B 214 -1.10 4.37 -5.24
CA LEU B 214 -0.46 4.66 -3.95
C LEU B 214 -0.23 3.40 -3.14
N SER B 215 -1.11 2.42 -3.30
CA SER B 215 -0.92 1.14 -2.65
C SER B 215 0.34 0.43 -3.18
N HIS B 216 0.66 0.65 -4.46
CA HIS B 216 1.81 -0.03 -5.03
C HIS B 216 3.05 0.66 -4.52
N ILE B 217 2.98 1.99 -4.45
CA ILE B 217 4.09 2.79 -3.97
C ILE B 217 4.44 2.43 -2.54
N ARG B 218 3.42 2.13 -1.72
CA ARG B 218 3.65 1.73 -0.34
C ARG B 218 4.39 0.42 -0.37
N HIS B 219 4.08 -0.39 -1.37
CA HIS B 219 4.67 -1.71 -1.46
C HIS B 219 6.13 -1.61 -1.79
N MET B 220 6.45 -0.76 -2.76
CA MET B 220 7.83 -0.60 -3.20
C MET B 220 8.64 -0.02 -2.07
N SER B 221 8.02 0.90 -1.32
CA SER B 221 8.67 1.50 -0.17
C SER B 221 9.12 0.47 0.86
N ASN B 222 8.29 -0.53 1.14
CA ASN B 222 8.65 -1.57 2.10
C ASN B 222 9.75 -2.48 1.55
N LYS B 223 9.66 -2.78 0.25
CA LYS B 223 10.71 -3.55 -0.40
C LYS B 223 12.05 -2.81 -0.38
N GLY B 224 12.02 -1.51 -0.69
CA GLY B 224 13.26 -0.75 -0.79
C GLY B 224 13.86 -0.45 0.57
N MET B 225 13.01 -0.37 1.57
CA MET B 225 13.47 -0.15 2.94
C MET B 225 14.19 -1.38 3.47
N GLU B 226 13.65 -2.56 3.16
CA GLU B 226 14.28 -3.82 3.54
C GLU B 226 15.61 -3.92 2.80
N HIS B 227 15.61 -3.47 1.56
CA HIS B 227 16.81 -3.48 0.74
C HIS B 227 17.91 -2.55 1.28
N LEU B 228 17.52 -1.36 1.68
CA LEU B 228 18.43 -0.39 2.26
C LEU B 228 19.08 -0.98 3.51
N TYR B 229 18.26 -1.56 4.38
CA TYR B 229 18.75 -2.16 5.63
C TYR B 229 19.71 -3.31 5.32
N SER B 230 19.47 -3.94 4.18
CA SER B 230 20.31 -5.01 3.70
C SER B 230 21.68 -4.48 3.32
N MET B 231 21.71 -3.30 2.69
CA MET B 231 22.96 -2.67 2.26
C MET B 231 23.75 -2.14 3.45
N LYS B 232 23.04 -1.75 4.49
CA LYS B 232 23.69 -1.41 5.74
C LYS B 232 24.28 -2.67 6.37
N CME B 233 23.50 -3.75 6.36
CA CME B 233 23.89 -4.99 7.03
CB CME B 233 22.75 -6.00 7.01
SG CME B 233 21.61 -5.68 8.32
SD CME B 233 22.60 -6.07 10.01
CE CME B 233 21.94 -5.24 11.42
CZ CME B 233 22.50 -3.83 11.55
OH CME B 233 21.77 -3.15 12.61
C CME B 233 25.13 -5.61 6.45
O CME B 233 26.00 -6.07 7.20
N LYS B 234 25.23 -5.62 5.13
CA LYS B 234 26.44 -6.13 4.51
C LYS B 234 27.41 -4.97 4.28
N ASN B 235 27.05 -3.86 4.93
CA ASN B 235 27.78 -2.60 4.95
C ASN B 235 28.60 -2.22 3.72
N VAL B 236 27.93 -2.22 2.56
CA VAL B 236 28.58 -1.86 1.31
C VAL B 236 28.85 -0.36 1.20
N VAL B 237 28.30 0.39 2.15
CA VAL B 237 28.46 1.84 2.16
C VAL B 237 28.00 2.40 3.50
N PRO B 238 28.77 3.34 4.06
CA PRO B 238 28.36 3.99 5.30
C PRO B 238 27.20 4.92 4.99
N LEU B 239 26.11 4.77 5.71
CA LEU B 239 24.95 5.63 5.51
C LEU B 239 25.06 6.87 6.37
N SER B 240 24.29 7.90 6.02
CA SER B 240 24.30 9.15 6.76
C SER B 240 23.54 9.01 8.06
N ASP B 241 23.66 10.01 8.92
CA ASP B 241 22.99 9.99 10.21
C ASP B 241 21.50 10.08 10.04
N LEU B 242 21.05 10.88 9.06
CA LEU B 242 19.62 11.05 8.83
C LEU B 242 18.97 9.79 8.25
N LEU B 243 19.58 9.21 7.21
CA LEU B 243 19.04 7.97 6.65
C LEU B 243 18.90 6.88 7.70
N LEU B 244 19.93 6.73 8.54
CA LEU B 244 19.86 5.77 9.63
C LEU B 244 18.70 6.06 10.56
N GLU B 245 18.44 7.33 10.87
CA GLU B 245 17.28 7.66 11.68
C GLU B 245 16.00 7.27 10.95
N MET B 246 15.84 7.77 9.73
CA MET B 246 14.71 7.38 8.87
C MET B 246 14.52 5.87 8.91
N LEU B 247 15.60 5.15 8.58
CA LEU B 247 15.60 3.72 8.52
C LEU B 247 15.14 3.10 9.83
N ASP B 248 15.65 3.62 10.95
CA ASP B 248 15.37 3.00 12.25
C ASP B 248 13.97 3.25 12.82
N ALA B 249 13.21 4.11 12.16
CA ALA B 249 11.82 4.32 12.55
C ALA B 249 10.97 3.14 12.07
N HIS B 250 11.56 2.29 11.23
CA HIS B 250 10.88 1.10 10.74
C HIS B 250 11.57 -0.11 11.32
N ARG B 251 10.86 -1.22 11.42
CA ARG B 251 11.53 -2.42 11.92
C ARG B 251 11.72 -3.50 10.88
N LEU B 252 12.93 -4.05 10.86
CA LEU B 252 13.40 -4.85 9.74
C LEU B 252 14.38 -5.92 10.19
N HIS B 253 14.96 -6.61 9.20
CA HIS B 253 15.95 -7.67 9.45
C HIS B 253 16.61 -8.04 8.11
N ALA B 254 17.62 -8.91 8.15
CA ALA B 254 18.30 -9.35 6.93
C ALA B 254 19.13 -10.61 7.13
N PRO B 255 18.64 -11.75 6.59
CA PRO B 255 19.28 -13.04 6.79
C PRO B 255 20.51 -13.24 5.90
N LYS C 3 3.49 -26.85 -7.87
CA LYS C 3 2.85 -25.85 -6.88
C LYS C 3 1.32 -25.96 -6.71
N ILE C 4 0.96 -26.22 -5.45
CA ILE C 4 -0.41 -26.46 -4.98
C ILE C 4 -1.44 -25.39 -5.36
N LEU C 5 -0.99 -24.14 -5.51
CA LEU C 5 -1.89 -23.08 -5.95
C LEU C 5 -2.37 -23.34 -7.37
N HIS C 6 -1.47 -23.73 -8.24
CA HIS C 6 -1.85 -23.93 -9.63
C HIS C 6 -2.90 -25.06 -9.72
N ARG C 7 -2.67 -26.18 -9.02
CA ARG C 7 -3.63 -27.28 -9.03
C ARG C 7 -5.02 -26.86 -8.55
N LEU C 8 -5.08 -26.31 -7.34
CA LEU C 8 -6.33 -25.84 -6.77
C LEU C 8 -7.08 -24.90 -7.70
N LEU C 9 -6.34 -23.96 -8.29
CA LEU C 9 -6.95 -22.99 -9.19
C LEU C 9 -7.60 -23.64 -10.42
N GLN C 10 -6.86 -24.49 -11.11
CA GLN C 10 -7.40 -25.10 -12.32
C GLN C 10 -8.47 -26.14 -12.01
N ASP C 11 -8.83 -26.25 -10.74
CA ASP C 11 -9.79 -27.26 -10.29
C ASP C 11 -11.01 -26.62 -9.64
N LYS D 3 17.95 13.78 17.75
CA LYS D 3 17.21 13.31 16.55
C LYS D 3 17.14 14.40 15.47
N ILE D 4 17.97 14.21 14.45
CA ILE D 4 18.18 15.18 13.39
C ILE D 4 16.86 15.68 12.80
N LEU D 5 15.94 14.74 12.57
CA LEU D 5 14.66 15.08 11.99
C LEU D 5 13.99 16.17 12.81
N HIS D 6 13.86 15.90 14.09
CA HIS D 6 13.19 16.82 14.98
C HIS D 6 13.75 18.22 14.74
N ARG D 7 15.07 18.34 14.61
CA ARG D 7 15.65 19.68 14.50
C ARG D 7 15.48 20.34 13.14
N LEU D 8 15.57 19.55 12.08
CA LEU D 8 15.36 20.08 10.73
C LEU D 8 13.93 20.56 10.59
N LEU D 9 13.02 19.93 11.32
CA LEU D 9 11.60 20.31 11.35
C LEU D 9 11.29 21.55 12.20
N GLN D 10 12.02 21.75 13.28
CA GLN D 10 11.81 22.92 14.16
C GLN D 10 12.60 24.09 13.63
N ASP D 11 13.52 23.82 12.71
CA ASP D 11 14.40 24.84 12.19
C ASP D 11 14.11 25.15 10.72
CAN T3O E . -0.35 -13.67 8.94
CAD T3O E . -1.22 -14.78 9.54
CAI T3O E . -0.33 -15.79 10.19
CAL T3O E . -0.84 -17.19 10.36
CAO T3O E . 0.92 -15.48 10.63
CAM T3O E . 1.53 -14.09 10.51
CAP T3O E . 0.48 -13.07 10.06
CAK T3O E . -0.42 -12.62 11.21
CAF T3O E . -0.03 -13.26 12.55
CAQ T3O E . -0.29 -11.12 11.33
OAR T3O E . -1.80 -12.88 10.91
CAB T3O E . -2.17 -14.23 10.60
CAA T3O E . -3.58 -14.25 10.12
CAC T3O E . -4.31 -15.44 10.21
CAH T3O E . -5.63 -15.49 9.78
CAJ T3O E . -6.24 -14.35 9.27
OAS T3O E . -7.54 -14.44 8.87
CAG T3O E . -5.53 -13.16 9.19
CAE T3O E . -4.20 -13.10 9.62
CAN T3O F . 15.73 3.63 -2.03
CAD T3O F . 16.78 4.60 -2.55
CAI T3O F . 18.11 3.92 -2.44
CAL T3O F . 19.33 4.80 -2.40
CAO T3O F . 18.24 2.57 -2.38
CAM T3O F . 17.08 1.60 -2.43
CAP T3O F . 15.80 2.34 -2.84
CAK T3O F . 15.71 2.67 -4.32
CAF T3O F . 16.96 2.21 -5.11
CAQ T3O F . 14.49 1.97 -4.89
OAR T3O F . 15.47 4.07 -4.51
CAB T3O F . 16.50 4.95 -4.01
CAA T3O F . 16.13 6.38 -4.23
CAC T3O F . 17.03 7.40 -3.96
CAH T3O F . 16.69 8.74 -4.21
CAJ T3O F . 15.43 9.05 -4.73
OAS T3O F . 15.10 10.37 -4.95
CAG T3O F . 14.54 8.03 -5.00
CAE T3O F . 14.88 6.70 -4.77
#